data_6A6Y
#
_entry.id   6A6Y
#
_cell.length_a   62.733
_cell.length_b   62.733
_cell.length_c   98.725
_cell.angle_alpha   90.00
_cell.angle_beta   90.00
_cell.angle_gamma   90.00
#
_symmetry.space_group_name_H-M   'P 43'
#
loop_
_entity.id
_entity.type
_entity.pdbx_description
1 polymer 'Histone chaperone ASF1, putative'
2 non-polymer 'THIOCYANATE ION'
3 non-polymer 1,2-ETHANEDIOL
4 water water
#
_entity_poly.entity_id   1
_entity_poly.type   'polypeptide(L)'
_entity_poly.pdbx_seq_one_letter_code
;GPMSEVNVTKVIVNNPICDILDPFVFTIEFEALNKLEADLEWKIFYISAVNNEGESNQDIELDNIFLGPIERGVMMFDYA
VNPPDYKNMDIDSVLGLQAILISANYKEKEFIRIAYYMNSFYKDMELRENPPVVPQYDKICRHIFVENPRIVKFSIGWDS
E
;
_entity_poly.pdbx_strand_id   A,B
#
loop_
_chem_comp.id
_chem_comp.type
_chem_comp.name
_chem_comp.formula
EDO non-polymer 1,2-ETHANEDIOL 'C2 H6 O2'
SCN non-polymer 'THIOCYANATE ION' 'C N S -1'
#
# COMPACT_ATOMS: atom_id res chain seq x y z
N MET A 3 -11.86 -30.34 -3.62
CA MET A 3 -12.13 -30.91 -2.29
C MET A 3 -12.70 -29.84 -1.35
N SER A 4 -12.22 -28.61 -1.49
CA SER A 4 -12.61 -27.55 -0.57
C SER A 4 -14.04 -27.10 -0.88
N GLU A 5 -14.87 -27.03 0.17
CA GLU A 5 -16.25 -26.57 0.04
C GLU A 5 -16.37 -25.05 0.01
N VAL A 6 -15.32 -24.32 0.37
CA VAL A 6 -15.36 -22.86 0.44
C VAL A 6 -14.16 -22.31 -0.30
N ASN A 7 -14.41 -21.36 -1.19
CA ASN A 7 -13.37 -20.61 -1.88
C ASN A 7 -13.36 -19.18 -1.38
N VAL A 8 -12.18 -18.65 -1.11
CA VAL A 8 -12.01 -17.27 -0.68
C VAL A 8 -11.76 -16.42 -1.93
N THR A 9 -12.68 -15.51 -2.23
CA THR A 9 -12.64 -14.77 -3.48
C THR A 9 -12.05 -13.37 -3.35
N LYS A 10 -12.13 -12.75 -2.19
CA LYS A 10 -11.55 -11.44 -1.97
C LYS A 10 -11.01 -11.32 -0.54
N VAL A 11 -9.90 -10.61 -0.41
CA VAL A 11 -9.44 -10.11 0.88
C VAL A 11 -8.97 -8.68 0.67
N ILE A 12 -9.62 -7.73 1.35
CA ILE A 12 -9.30 -6.32 1.28
C ILE A 12 -8.70 -5.91 2.62
N VAL A 13 -7.51 -5.33 2.59
CA VAL A 13 -6.87 -4.76 3.78
C VAL A 13 -7.28 -3.29 3.87
N ASN A 14 -8.14 -2.96 4.82
CA ASN A 14 -8.84 -1.69 4.75
C ASN A 14 -7.96 -0.50 5.11
N ASN A 15 -7.07 -0.65 6.10
CA ASN A 15 -6.17 0.43 6.52
C ASN A 15 -4.73 -0.08 6.44
N PRO A 16 -4.21 -0.28 5.22
CA PRO A 16 -2.90 -0.93 5.07
C PRO A 16 -1.74 -0.13 5.65
N ILE A 17 -1.90 1.19 5.81
CA ILE A 17 -0.86 2.05 6.38
C ILE A 17 -1.52 2.86 7.49
N CYS A 18 -1.11 2.61 8.73
CA CYS A 18 -1.76 3.23 9.88
C CYS A 18 -0.88 3.05 11.11
N ASP A 19 -1.23 3.76 12.18
CA ASP A 19 -0.60 3.56 13.47
C ASP A 19 -0.79 2.12 13.94
N ILE A 20 0.25 1.55 14.55
CA ILE A 20 0.20 0.15 14.96
C ILE A 20 -0.83 -0.08 16.05
N LEU A 21 -1.23 0.97 16.77
CA LEU A 21 -2.26 0.86 17.79
C LEU A 21 -3.66 0.79 17.19
N ASP A 22 -3.81 1.10 15.90
CA ASP A 22 -5.11 1.00 15.26
C ASP A 22 -5.48 -0.46 15.04
N PRO A 23 -6.77 -0.79 15.12
CA PRO A 23 -7.20 -2.16 14.83
C PRO A 23 -6.92 -2.55 13.38
N PHE A 24 -6.72 -3.85 13.16
CA PHE A 24 -6.66 -4.39 11.81
C PHE A 24 -8.08 -4.60 11.29
N VAL A 25 -8.35 -4.08 10.09
CA VAL A 25 -9.69 -4.18 9.50
C VAL A 25 -9.56 -4.85 8.14
N PHE A 26 -10.31 -5.93 7.94
CA PHE A 26 -10.32 -6.66 6.69
C PHE A 26 -11.74 -6.76 6.16
N THR A 27 -11.88 -6.68 4.84
CA THR A 27 -13.12 -7.07 4.16
C THR A 27 -12.84 -8.38 3.44
N ILE A 28 -13.63 -9.40 3.75
CA ILE A 28 -13.37 -10.76 3.28
C ILE A 28 -14.61 -11.27 2.58
N GLU A 29 -14.43 -11.80 1.37
CA GLU A 29 -15.49 -12.43 0.60
C GLU A 29 -15.13 -13.90 0.37
N PHE A 30 -16.14 -14.76 0.46
CA PHE A 30 -15.95 -16.19 0.21
C PHE A 30 -17.22 -16.74 -0.43
N GLU A 31 -17.10 -17.90 -1.06
CA GLU A 31 -18.22 -18.57 -1.69
C GLU A 31 -18.33 -19.99 -1.15
N ALA A 32 -19.49 -20.31 -0.58
CA ALA A 32 -19.79 -21.68 -0.16
C ALA A 32 -20.42 -22.42 -1.34
N LEU A 33 -19.80 -23.54 -1.73
CA LEU A 33 -20.35 -24.36 -2.80
C LEU A 33 -21.52 -25.22 -2.33
N ASN A 34 -21.71 -25.34 -1.01
CA ASN A 34 -22.75 -26.17 -0.44
C ASN A 34 -23.08 -25.63 0.94
N LYS A 35 -24.31 -25.84 1.39
CA LYS A 35 -24.66 -25.57 2.79
C LYS A 35 -23.85 -26.45 3.73
N LEU A 36 -23.46 -25.90 4.89
CA LEU A 36 -22.64 -26.61 5.86
C LEU A 36 -23.39 -26.65 7.19
N GLU A 37 -23.23 -27.74 7.96
CA GLU A 37 -24.02 -27.85 9.20
C GLU A 37 -23.53 -26.90 10.30
N ALA A 38 -22.28 -26.47 10.17
CA ALA A 38 -21.58 -25.82 11.25
C ALA A 38 -21.06 -24.49 10.74
N ASP A 39 -20.58 -23.71 11.69
CA ASP A 39 -20.12 -22.37 11.38
C ASP A 39 -18.70 -22.41 10.82
N LEU A 40 -18.36 -21.35 10.11
CA LEU A 40 -16.99 -21.08 9.72
C LEU A 40 -16.32 -20.26 10.82
N GLU A 41 -15.06 -20.57 11.10
CA GLU A 41 -14.29 -19.90 12.14
C GLU A 41 -13.14 -19.14 11.50
N TRP A 42 -13.15 -17.82 11.65
CA TRP A 42 -12.13 -16.94 11.08
C TRP A 42 -11.25 -16.39 12.20
N LYS A 43 -9.95 -16.59 12.07
CA LYS A 43 -8.98 -16.12 13.05
C LYS A 43 -8.01 -15.13 12.40
N ILE A 44 -7.43 -14.27 13.22
CA ILE A 44 -6.39 -13.33 12.79
C ILE A 44 -5.17 -13.54 13.69
N PHE A 45 -3.99 -13.65 13.08
CA PHE A 45 -2.76 -13.91 13.80
C PHE A 45 -1.72 -12.83 13.51
N TYR A 46 -1.07 -12.36 14.57
CA TYR A 46 0.07 -11.45 14.45
C TYR A 46 1.36 -12.27 14.44
N ILE A 47 2.16 -12.11 13.39
CA ILE A 47 3.39 -12.88 13.19
C ILE A 47 4.57 -11.96 13.47
N SER A 48 5.42 -12.35 14.40
CA SER A 48 6.50 -11.48 14.86
C SER A 48 7.85 -11.91 14.31
N ALA A 49 8.73 -10.92 14.12
CA ALA A 49 10.17 -11.13 13.91
C ALA A 49 10.46 -12.09 12.77
N VAL A 50 10.05 -11.71 11.56
CA VAL A 50 10.21 -12.57 10.39
C VAL A 50 11.67 -12.62 9.92
N ASN A 57 8.17 -14.10 19.70
CA ASN A 57 8.63 -14.94 18.60
C ASN A 57 7.52 -15.88 18.13
N GLN A 58 6.65 -16.28 19.04
CA GLN A 58 5.51 -17.13 18.71
C GLN A 58 4.36 -16.28 18.17
N ASP A 59 3.44 -16.93 17.46
CA ASP A 59 2.32 -16.24 16.87
C ASP A 59 1.28 -15.91 17.93
N ILE A 60 0.65 -14.75 17.80
CA ILE A 60 -0.37 -14.28 18.73
C ILE A 60 -1.71 -14.29 18.01
N GLU A 61 -2.66 -15.04 18.55
CA GLU A 61 -4.03 -15.03 18.04
C GLU A 61 -4.72 -13.75 18.49
N LEU A 62 -5.15 -12.92 17.54
CA LEU A 62 -5.76 -11.64 17.86
C LEU A 62 -7.24 -11.75 18.14
N ASP A 63 -7.94 -12.64 17.44
CA ASP A 63 -9.38 -12.82 17.61
C ASP A 63 -9.81 -14.05 16.84
N ASN A 64 -11.01 -14.54 17.16
CA ASN A 64 -11.65 -15.59 16.40
C ASN A 64 -13.16 -15.38 16.46
N ILE A 65 -13.82 -15.53 15.32
CA ILE A 65 -15.25 -15.29 15.21
C ILE A 65 -15.88 -16.44 14.42
N PHE A 66 -17.16 -16.67 14.67
CA PHE A 66 -17.92 -17.71 13.99
C PHE A 66 -19.00 -17.09 13.12
N LEU A 67 -19.15 -17.61 11.91
CA LEU A 67 -20.16 -17.16 10.96
C LEU A 67 -21.02 -18.34 10.56
N GLY A 68 -22.33 -18.16 10.63
CA GLY A 68 -23.26 -19.19 10.23
C GLY A 68 -24.71 -18.80 10.51
N PRO A 69 -25.66 -19.61 9.99
CA PRO A 69 -25.41 -20.82 9.19
C PRO A 69 -24.86 -20.51 7.80
N ILE A 70 -24.11 -21.46 7.25
CA ILE A 70 -23.45 -21.29 5.96
C ILE A 70 -24.36 -21.85 4.88
N GLU A 71 -24.96 -20.98 4.08
CA GLU A 71 -25.72 -21.39 2.92
C GLU A 71 -24.84 -21.35 1.68
N ARG A 72 -25.23 -22.12 0.66
CA ARG A 72 -24.55 -22.02 -0.63
C ARG A 72 -24.69 -20.61 -1.17
N GLY A 73 -23.58 -20.02 -1.56
CA GLY A 73 -23.58 -18.70 -2.13
C GLY A 73 -22.40 -17.90 -1.61
N VAL A 74 -22.43 -16.60 -1.88
CA VAL A 74 -21.32 -15.70 -1.63
C VAL A 74 -21.67 -14.80 -0.45
N MET A 75 -20.69 -14.59 0.44
CA MET A 75 -20.85 -13.69 1.57
C MET A 75 -19.60 -12.83 1.71
N MET A 76 -19.80 -11.53 1.92
CA MET A 76 -18.72 -10.59 2.17
C MET A 76 -18.97 -9.91 3.51
N PHE A 77 -17.93 -9.85 4.35
CA PHE A 77 -18.08 -9.33 5.70
C PHE A 77 -16.86 -8.54 6.12
N ASP A 78 -17.06 -7.66 7.11
CA ASP A 78 -16.00 -6.85 7.69
C ASP A 78 -15.56 -7.44 9.03
N TYR A 79 -14.25 -7.53 9.23
CA TYR A 79 -13.65 -8.19 10.38
C TYR A 79 -12.60 -7.25 10.97
N ALA A 80 -12.92 -6.64 12.11
CA ALA A 80 -12.01 -5.74 12.80
C ALA A 80 -11.53 -6.38 14.10
N VAL A 81 -10.22 -6.39 14.30
CA VAL A 81 -9.61 -6.98 15.49
C VAL A 81 -8.62 -5.98 16.09
N ASN A 82 -8.48 -6.04 17.41
CA ASN A 82 -7.57 -5.15 18.12
C ASN A 82 -6.12 -5.63 17.99
N PRO A 83 -5.16 -4.71 18.04
CA PRO A 83 -3.75 -5.09 17.96
C PRO A 83 -3.30 -5.76 19.24
N PRO A 84 -2.17 -6.47 19.23
CA PRO A 84 -1.66 -7.08 20.46
C PRO A 84 -1.03 -6.02 21.37
N ASP A 85 -0.77 -6.42 22.60
CA ASP A 85 -0.24 -5.51 23.61
C ASP A 85 1.26 -5.35 23.38
N TYR A 86 1.62 -4.31 22.62
CA TYR A 86 3.02 -4.09 22.25
C TYR A 86 3.89 -3.86 23.48
N LYS A 87 3.32 -3.35 24.57
CA LYS A 87 4.12 -3.06 25.76
C LYS A 87 4.68 -4.34 26.38
N ASN A 88 4.01 -5.48 26.17
CA ASN A 88 4.43 -6.77 26.70
C ASN A 88 4.99 -7.66 25.60
N MET A 89 5.69 -7.07 24.64
CA MET A 89 6.26 -7.82 23.52
C MET A 89 7.72 -7.44 23.32
N ASP A 90 8.47 -8.36 22.74
CA ASP A 90 9.84 -8.08 22.32
C ASP A 90 9.84 -6.95 21.29
N ILE A 91 10.80 -6.03 21.43
CA ILE A 91 10.86 -4.88 20.54
C ILE A 91 10.98 -5.30 19.08
N ASP A 92 11.61 -6.45 18.81
CA ASP A 92 11.70 -6.95 17.44
C ASP A 92 10.36 -7.40 16.90
N SER A 93 9.40 -7.68 17.79
CA SER A 93 8.03 -7.98 17.40
C SER A 93 7.20 -6.72 17.23
N VAL A 94 7.81 -5.55 17.36
CA VAL A 94 7.11 -4.28 17.29
C VAL A 94 7.69 -3.47 16.15
N LEU A 95 9.01 -3.27 16.16
CA LEU A 95 9.72 -2.60 15.08
C LEU A 95 10.35 -3.64 14.17
N GLY A 96 10.23 -3.45 12.86
CA GLY A 96 10.80 -4.36 11.89
C GLY A 96 9.77 -5.06 11.02
N LEU A 97 10.17 -6.18 10.42
CA LEU A 97 9.30 -6.91 9.50
C LEU A 97 8.42 -7.87 10.29
N GLN A 98 7.11 -7.64 10.23
CA GLN A 98 6.13 -8.52 10.85
C GLN A 98 5.21 -9.07 9.76
N ALA A 99 4.14 -9.75 10.18
CA ALA A 99 3.15 -10.23 9.24
C ALA A 99 1.80 -10.30 9.93
N ILE A 100 0.75 -10.37 9.12
CA ILE A 100 -0.62 -10.49 9.59
C ILE A 100 -1.29 -11.58 8.77
N LEU A 101 -2.00 -12.48 9.44
CA LEU A 101 -2.47 -13.71 8.81
C LEU A 101 -3.95 -13.92 9.09
N ILE A 102 -4.72 -14.18 8.03
CA ILE A 102 -6.12 -14.57 8.13
C ILE A 102 -6.21 -16.09 8.03
N SER A 103 -6.91 -16.70 8.98
CA SER A 103 -7.07 -18.14 9.04
C SER A 103 -8.55 -18.50 9.01
N ALA A 104 -8.91 -19.42 8.12
CA ALA A 104 -10.28 -19.92 8.01
C ALA A 104 -10.32 -21.38 8.41
N ASN A 105 -11.28 -21.75 9.25
CA ASN A 105 -11.35 -23.07 9.84
C ASN A 105 -12.78 -23.60 9.76
N TYR A 106 -12.89 -24.93 9.74
CA TYR A 106 -14.18 -25.60 9.81
C TYR A 106 -14.03 -26.83 10.70
N LYS A 107 -14.84 -26.90 11.75
CA LYS A 107 -14.76 -27.98 12.74
C LYS A 107 -13.34 -28.10 13.31
N GLU A 108 -12.77 -26.95 13.67
CA GLU A 108 -11.46 -26.82 14.31
C GLU A 108 -10.30 -27.25 13.42
N LYS A 109 -10.50 -27.25 12.10
CA LYS A 109 -9.44 -27.60 11.17
C LYS A 109 -9.27 -26.50 10.14
N GLU A 110 -8.05 -26.00 10.00
CA GLU A 110 -7.74 -24.91 9.08
C GLU A 110 -7.70 -25.40 7.65
N PHE A 111 -8.42 -24.72 6.75
CA PHE A 111 -8.42 -25.08 5.35
C PHE A 111 -7.82 -24.03 4.41
N ILE A 112 -7.50 -22.84 4.91
CA ILE A 112 -6.75 -21.86 4.11
C ILE A 112 -6.13 -20.84 5.06
N ARG A 113 -4.99 -20.29 4.66
CA ARG A 113 -4.37 -19.17 5.37
C ARG A 113 -3.89 -18.14 4.35
N ILE A 114 -4.14 -16.87 4.67
CA ILE A 114 -3.70 -15.75 3.84
C ILE A 114 -2.94 -14.78 4.74
N ALA A 115 -1.69 -14.52 4.41
CA ALA A 115 -0.84 -13.66 5.22
C ALA A 115 -0.24 -12.56 4.36
N TYR A 116 0.02 -11.41 5.00
CA TYR A 116 0.66 -10.27 4.35
C TYR A 116 1.82 -9.81 5.20
N TYR A 117 2.99 -9.65 4.58
CA TYR A 117 4.10 -9.02 5.26
C TYR A 117 3.77 -7.56 5.55
N MET A 118 4.35 -7.04 6.63
CA MET A 118 4.23 -5.63 6.93
C MET A 118 5.48 -5.14 7.64
N ASN A 119 5.89 -3.92 7.31
CA ASN A 119 7.01 -3.26 7.98
C ASN A 119 6.47 -2.28 9.00
N SER A 120 7.04 -2.28 10.20
CA SER A 120 6.66 -1.35 11.25
C SER A 120 7.86 -0.48 11.60
N PHE A 121 7.63 0.83 11.65
CA PHE A 121 8.71 1.79 11.80
C PHE A 121 8.14 3.08 12.34
N TYR A 122 9.02 3.87 12.96
CA TYR A 122 8.64 5.19 13.44
C TYR A 122 8.23 6.06 12.25
N LYS A 123 7.16 6.84 12.43
CA LYS A 123 6.68 7.68 11.34
C LYS A 123 7.61 8.86 11.08
N ASP A 124 8.19 9.43 12.13
CA ASP A 124 9.10 10.55 11.98
C ASP A 124 10.52 10.03 11.81
N MET A 125 11.25 10.61 10.84
CA MET A 125 12.53 10.05 10.43
C MET A 125 13.60 10.19 11.51
N GLU A 126 13.60 11.28 12.27
CA GLU A 126 14.61 11.45 13.30
C GLU A 126 14.54 10.33 14.33
N LEU A 127 13.34 9.93 14.73
CA LEU A 127 13.21 8.81 15.65
C LEU A 127 13.54 7.48 14.97
N ARG A 128 13.36 7.41 13.65
CA ARG A 128 13.88 6.27 12.90
C ARG A 128 15.40 6.23 13.00
N GLU A 129 16.03 7.39 12.81
CA GLU A 129 17.48 7.48 12.88
C GLU A 129 17.99 7.30 14.31
N ASN A 130 17.22 7.76 15.29
CA ASN A 130 17.62 7.68 16.70
C ASN A 130 16.45 7.17 17.52
N PRO A 131 16.19 5.86 17.49
CA PRO A 131 15.10 5.29 18.29
C PRO A 131 15.37 5.40 19.78
N PRO A 132 14.38 5.80 20.57
CA PRO A 132 14.57 5.96 22.01
C PRO A 132 14.76 4.62 22.72
N VAL A 133 15.31 4.68 23.94
CA VAL A 133 15.55 3.47 24.71
C VAL A 133 14.23 2.84 25.14
N VAL A 134 13.28 3.67 25.53
CA VAL A 134 11.92 3.24 25.78
C VAL A 134 11.08 3.50 24.53
N PRO A 135 10.43 2.49 23.97
CA PRO A 135 9.70 2.69 22.71
C PRO A 135 8.50 3.60 22.90
N GLN A 136 8.15 4.30 21.83
CA GLN A 136 6.99 5.19 21.83
C GLN A 136 6.00 4.64 20.80
N TYR A 137 5.13 3.75 21.26
CA TYR A 137 4.25 3.01 20.37
C TYR A 137 3.27 3.92 19.63
N ASP A 138 2.96 5.09 20.18
CA ASP A 138 2.03 6.00 19.53
C ASP A 138 2.58 6.63 18.26
N LYS A 139 3.90 6.54 18.04
CA LYS A 139 4.54 7.14 16.88
C LYS A 139 5.10 6.09 15.92
N ILE A 140 4.63 4.86 16.03
CA ILE A 140 5.03 3.77 15.14
C ILE A 140 3.86 3.43 14.23
N CYS A 141 4.14 3.18 12.97
CA CYS A 141 3.14 2.84 11.97
C CYS A 141 3.53 1.55 11.27
N ARG A 142 2.51 0.82 10.81
CA ARG A 142 2.70 -0.39 10.04
C ARG A 142 2.35 -0.13 8.58
N HIS A 143 3.09 -0.80 7.68
CA HIS A 143 2.86 -0.72 6.24
C HIS A 143 2.65 -2.13 5.71
N ILE A 144 1.41 -2.48 5.37
CA ILE A 144 1.05 -3.83 4.94
C ILE A 144 1.21 -3.95 3.44
N PHE A 145 1.90 -5.01 3.00
CA PHE A 145 2.22 -5.24 1.60
C PHE A 145 1.08 -6.00 0.94
N VAL A 146 0.09 -5.23 0.47
CA VAL A 146 -1.20 -5.77 0.07
C VAL A 146 -1.12 -6.50 -1.27
N GLU A 147 -0.06 -6.23 -2.05
CA GLU A 147 0.06 -6.78 -3.39
C GLU A 147 0.59 -8.20 -3.42
N ASN A 148 0.96 -8.76 -2.27
CA ASN A 148 1.71 -10.03 -2.21
C ASN A 148 1.14 -10.93 -1.12
N PRO A 149 -0.08 -11.45 -1.30
CA PRO A 149 -0.64 -12.37 -0.31
C PRO A 149 0.05 -13.73 -0.37
N ARG A 150 0.32 -14.29 0.81
CA ARG A 150 0.97 -15.60 0.96
C ARG A 150 -0.10 -16.62 1.35
N ILE A 151 -0.49 -17.46 0.40
CA ILE A 151 -1.66 -18.34 0.55
C ILE A 151 -1.19 -19.79 0.63
N VAL A 152 -1.80 -20.56 1.54
CA VAL A 152 -1.66 -22.00 1.61
C VAL A 152 -3.02 -22.60 1.92
N LYS A 153 -3.41 -23.63 1.18
CA LYS A 153 -4.68 -24.31 1.37
C LYS A 153 -4.43 -25.71 1.91
N PHE A 154 -5.39 -26.23 2.68
CA PHE A 154 -5.27 -27.52 3.34
C PHE A 154 -6.53 -28.36 3.11
N SER A 155 -6.33 -29.62 2.79
CA SER A 155 -7.44 -30.57 2.64
C SER A 155 -7.95 -30.96 4.02
N ILE A 156 -9.24 -30.71 4.26
CA ILE A 156 -9.88 -31.05 5.52
C ILE A 156 -11.16 -31.81 5.24
N GLY A 157 -11.70 -32.42 6.29
CA GLY A 157 -13.04 -32.97 6.22
C GLY A 157 -14.08 -31.89 6.39
N TRP A 158 -15.25 -32.10 5.78
CA TRP A 158 -16.34 -31.15 5.90
C TRP A 158 -17.50 -31.88 6.57
N ASP A 159 -18.53 -32.27 5.82
CA ASP A 159 -19.71 -32.89 6.43
C ASP A 159 -19.87 -34.36 6.10
N SER A 160 -19.41 -34.80 4.94
CA SER A 160 -19.51 -36.21 4.58
C SER A 160 -18.28 -36.98 5.08
N MET B 3 25.06 23.07 -6.09
CA MET B 3 24.80 24.49 -6.32
C MET B 3 23.31 24.75 -6.54
N SER B 4 22.47 23.85 -6.05
CA SER B 4 21.04 23.94 -6.27
C SER B 4 20.42 25.04 -5.41
N GLU B 5 19.60 25.88 -6.05
CA GLU B 5 18.89 26.94 -5.34
C GLU B 5 17.65 26.44 -4.61
N VAL B 6 17.19 25.23 -4.90
CA VAL B 6 15.97 24.68 -4.32
C VAL B 6 16.25 23.29 -3.78
N ASN B 7 15.89 23.04 -2.53
CA ASN B 7 15.98 21.72 -1.93
C ASN B 7 14.58 21.17 -1.69
N VAL B 8 14.37 19.91 -2.04
CA VAL B 8 13.10 19.24 -1.79
C VAL B 8 13.23 18.51 -0.46
N THR B 9 12.42 18.90 0.53
CA THR B 9 12.58 18.42 1.89
C THR B 9 11.62 17.31 2.27
N LYS B 10 10.43 17.26 1.66
CA LYS B 10 9.46 16.21 1.93
C LYS B 10 8.71 15.88 0.65
N VAL B 11 8.40 14.60 0.47
CA VAL B 11 7.41 14.16 -0.50
C VAL B 11 6.57 13.08 0.15
N ILE B 12 5.28 13.33 0.30
CA ILE B 12 4.34 12.38 0.87
C ILE B 12 3.40 11.90 -0.23
N VAL B 13 3.30 10.59 -0.39
CA VAL B 13 2.34 9.99 -1.31
C VAL B 13 1.05 9.76 -0.53
N ASN B 14 0.02 10.53 -0.85
CA ASN B 14 -1.14 10.64 0.03
C ASN B 14 -2.05 9.41 -0.05
N ASN B 15 -2.23 8.84 -1.24
CA ASN B 15 -3.06 7.66 -1.44
C ASN B 15 -2.23 6.56 -2.09
N PRO B 16 -1.25 6.03 -1.35
CA PRO B 16 -0.31 5.08 -1.98
C PRO B 16 -0.96 3.79 -2.40
N ILE B 17 -2.10 3.42 -1.82
CA ILE B 17 -2.79 2.18 -2.14
C ILE B 17 -4.25 2.52 -2.46
N CYS B 18 -4.64 2.33 -3.72
CA CYS B 18 -5.94 2.77 -4.21
C CYS B 18 -6.22 2.13 -5.56
N ASP B 19 -7.47 2.26 -6.01
CA ASP B 19 -7.82 1.88 -7.37
C ASP B 19 -7.02 2.70 -8.37
N ILE B 20 -6.60 2.05 -9.47
CA ILE B 20 -5.73 2.72 -10.43
C ILE B 20 -6.45 3.87 -11.15
N LEU B 21 -7.77 3.89 -11.14
CA LEU B 21 -8.52 4.99 -11.74
C LEU B 21 -8.52 6.24 -10.88
N ASP B 22 -8.11 6.13 -9.62
CA ASP B 22 -8.05 7.30 -8.75
C ASP B 22 -6.87 8.20 -9.14
N PRO B 23 -7.01 9.51 -8.98
CA PRO B 23 -5.89 10.42 -9.23
C PRO B 23 -4.73 10.17 -8.27
N PHE B 24 -3.52 10.46 -8.75
CA PHE B 24 -2.33 10.46 -7.90
C PHE B 24 -2.28 11.78 -7.13
N VAL B 25 -2.10 11.70 -5.81
CA VAL B 25 -2.08 12.88 -4.95
C VAL B 25 -0.76 12.90 -4.18
N PHE B 26 -0.01 14.00 -4.30
CA PHE B 26 1.27 14.17 -3.64
C PHE B 26 1.25 15.43 -2.79
N THR B 27 1.90 15.35 -1.63
CA THR B 27 2.25 16.53 -0.83
C THR B 27 3.74 16.75 -0.94
N ILE B 28 4.14 17.94 -1.38
CA ILE B 28 5.54 18.24 -1.69
C ILE B 28 5.95 19.49 -0.92
N GLU B 29 7.08 19.39 -0.21
CA GLU B 29 7.66 20.51 0.50
C GLU B 29 9.04 20.81 -0.09
N PHE B 30 9.35 22.09 -0.26
CA PHE B 30 10.65 22.48 -0.77
C PHE B 30 11.05 23.81 -0.13
N GLU B 31 12.35 24.09 -0.18
CA GLU B 31 12.90 25.33 0.37
C GLU B 31 13.72 26.02 -0.71
N ALA B 32 13.37 27.26 -1.03
CA ALA B 32 14.18 28.10 -1.90
C ALA B 32 15.18 28.87 -1.05
N LEU B 33 16.46 28.72 -1.37
CA LEU B 33 17.49 29.47 -0.67
C LEU B 33 17.56 30.93 -1.09
N ASN B 34 16.89 31.28 -2.19
CA ASN B 34 16.91 32.62 -2.75
C ASN B 34 15.64 32.84 -3.55
N LYS B 35 15.20 34.09 -3.62
CA LYS B 35 14.12 34.42 -4.54
C LYS B 35 14.57 34.14 -5.97
N LEU B 36 13.63 33.66 -6.79
CA LEU B 36 13.92 33.32 -8.17
C LEU B 36 13.05 34.15 -9.09
N GLU B 37 13.61 34.49 -10.25
CA GLU B 37 12.93 35.35 -11.21
C GLU B 37 11.82 34.63 -11.98
N ALA B 38 11.86 33.30 -12.04
CA ALA B 38 10.93 32.54 -12.84
C ALA B 38 10.22 31.50 -11.98
N ASP B 39 9.19 30.89 -12.55
CA ASP B 39 8.38 29.91 -11.84
C ASP B 39 9.08 28.55 -11.80
N LEU B 40 8.70 27.75 -10.82
CA LEU B 40 9.06 26.34 -10.78
C LEU B 40 8.01 25.52 -11.52
N GLU B 41 8.47 24.54 -12.29
CA GLU B 41 7.59 23.69 -13.07
C GLU B 41 7.67 22.26 -12.54
N TRP B 42 6.54 21.75 -12.05
CA TRP B 42 6.46 20.41 -11.48
C TRP B 42 5.67 19.52 -12.44
N LYS B 43 6.26 18.40 -12.83
CA LYS B 43 5.64 17.45 -13.73
C LYS B 43 5.50 16.10 -13.04
N ILE B 44 4.52 15.33 -13.50
CA ILE B 44 4.30 13.96 -13.03
C ILE B 44 4.32 13.05 -14.25
N PHE B 45 5.08 11.95 -14.16
CA PHE B 45 5.23 11.02 -15.26
C PHE B 45 4.82 9.62 -14.83
N TYR B 46 4.06 8.95 -15.69
CA TYR B 46 3.74 7.53 -15.52
C TYR B 46 4.77 6.71 -16.29
N ILE B 47 5.42 5.78 -15.60
CA ILE B 47 6.52 5.00 -16.17
C ILE B 47 6.02 3.57 -16.42
N SER B 48 6.16 3.12 -17.66
CA SER B 48 5.64 1.83 -18.11
C SER B 48 6.76 0.80 -18.24
N ALA B 49 6.38 -0.46 -18.10
CA ALA B 49 7.22 -1.62 -18.41
C ALA B 49 8.53 -1.57 -17.63
N VAL B 50 8.40 -1.51 -16.31
CA VAL B 50 9.54 -1.44 -15.41
C VAL B 50 10.14 -2.83 -15.21
N GLN B 58 6.94 4.08 -23.84
CA GLN B 58 7.42 5.42 -23.50
C GLN B 58 6.67 5.98 -22.29
N ASP B 59 7.26 6.99 -21.65
CA ASP B 59 6.68 7.62 -20.47
C ASP B 59 5.55 8.56 -20.87
N ILE B 60 4.55 8.65 -20.01
CA ILE B 60 3.40 9.53 -20.22
C ILE B 60 3.48 10.67 -19.22
N GLU B 61 3.52 11.90 -19.73
CA GLU B 61 3.43 13.08 -18.88
C GLU B 61 1.97 13.25 -18.45
N LEU B 62 1.72 13.17 -17.15
CA LEU B 62 0.36 13.24 -16.64
C LEU B 62 -0.13 14.68 -16.45
N ASP B 63 0.76 15.58 -16.04
CA ASP B 63 0.41 16.98 -15.81
C ASP B 63 1.67 17.78 -15.61
N ASN B 64 1.54 19.10 -15.73
CA ASN B 64 2.61 20.02 -15.38
C ASN B 64 1.99 21.31 -14.87
N ILE B 65 2.54 21.85 -13.78
CA ILE B 65 2.02 23.05 -13.15
C ILE B 65 3.16 24.00 -12.85
N PHE B 66 2.84 25.28 -12.79
CA PHE B 66 3.82 26.33 -12.50
C PHE B 66 3.50 26.97 -11.16
N LEU B 67 4.53 27.18 -10.36
CA LEU B 67 4.41 27.80 -9.05
C LEU B 67 5.31 29.01 -9.00
N GLY B 68 4.76 30.14 -8.56
CA GLY B 68 5.52 31.37 -8.44
C GLY B 68 4.65 32.54 -8.03
N PRO B 69 5.29 33.68 -7.69
CA PRO B 69 6.74 33.87 -7.65
C PRO B 69 7.41 33.11 -6.51
N ILE B 70 8.68 32.75 -6.69
CA ILE B 70 9.42 31.96 -5.71
C ILE B 70 10.17 32.91 -4.80
N GLU B 71 9.73 33.04 -3.56
CA GLU B 71 10.43 33.78 -2.54
C GLU B 71 11.33 32.84 -1.72
N ARG B 72 12.34 33.43 -1.08
CA ARG B 72 13.15 32.67 -0.14
C ARG B 72 12.26 32.15 0.99
N GLY B 73 12.35 30.85 1.27
CA GLY B 73 11.59 30.25 2.33
C GLY B 73 11.05 28.89 1.93
N VAL B 74 10.14 28.38 2.75
CA VAL B 74 9.62 27.03 2.64
C VAL B 74 8.18 27.09 2.12
N MET B 75 7.86 26.18 1.20
CA MET B 75 6.49 26.05 0.69
C MET B 75 6.13 24.57 0.62
N MET B 76 4.93 24.24 1.09
CA MET B 76 4.37 22.90 1.00
C MET B 76 3.05 22.99 0.25
N PHE B 77 2.87 22.10 -0.73
CA PHE B 77 1.67 22.15 -1.57
C PHE B 77 1.20 20.75 -1.91
N ASP B 78 -0.07 20.64 -2.24
CA ASP B 78 -0.71 19.39 -2.65
C ASP B 78 -0.91 19.40 -4.16
N TYR B 79 -0.58 18.28 -4.81
CA TYR B 79 -0.55 18.16 -6.26
C TYR B 79 -1.31 16.90 -6.67
N ALA B 80 -2.50 17.07 -7.25
CA ALA B 80 -3.32 15.96 -7.71
C ALA B 80 -3.36 15.93 -9.23
N VAL B 81 -3.10 14.76 -9.81
CA VAL B 81 -3.11 14.57 -11.26
C VAL B 81 -3.98 13.36 -11.59
N ASN B 82 -4.61 13.41 -12.77
CA ASN B 82 -5.47 12.33 -13.23
C ASN B 82 -4.64 11.18 -13.80
N PRO B 83 -5.12 9.95 -13.72
CA PRO B 83 -4.36 8.80 -14.24
C PRO B 83 -4.38 8.77 -15.76
N PRO B 84 -3.48 8.02 -16.39
CA PRO B 84 -3.48 7.92 -17.85
C PRO B 84 -4.62 7.05 -18.35
N ASP B 85 -4.83 7.10 -19.66
CA ASP B 85 -5.94 6.40 -20.30
C ASP B 85 -5.57 4.93 -20.43
N TYR B 86 -5.95 4.14 -19.43
CA TYR B 86 -5.59 2.72 -19.41
C TYR B 86 -6.20 1.96 -20.59
N LYS B 87 -7.32 2.43 -21.12
CA LYS B 87 -7.97 1.73 -22.23
C LYS B 87 -7.10 1.74 -23.48
N ASN B 88 -6.26 2.76 -23.65
CA ASN B 88 -5.39 2.88 -24.81
C ASN B 88 -3.93 2.63 -24.44
N MET B 89 -3.70 1.66 -23.56
CA MET B 89 -2.36 1.31 -23.13
C MET B 89 -2.18 -0.20 -23.20
N ASP B 90 -0.94 -0.63 -23.37
CA ASP B 90 -0.62 -2.04 -23.27
C ASP B 90 -0.93 -2.54 -21.88
N ILE B 91 -1.54 -3.73 -21.80
CA ILE B 91 -1.91 -4.29 -20.50
C ILE B 91 -0.69 -4.43 -19.61
N ASP B 92 0.49 -4.67 -20.21
CA ASP B 92 1.71 -4.78 -19.43
C ASP B 92 2.15 -3.44 -18.84
N SER B 93 1.64 -2.33 -19.36
CA SER B 93 1.84 -1.02 -18.77
C SER B 93 0.78 -0.68 -17.72
N VAL B 94 -0.09 -1.64 -17.38
CA VAL B 94 -1.20 -1.41 -16.46
C VAL B 94 -1.09 -2.33 -15.26
N LEU B 95 -1.00 -3.63 -15.49
CA LEU B 95 -0.81 -4.62 -14.44
C LEU B 95 0.67 -4.95 -14.30
N GLY B 96 1.14 -5.01 -13.07
CA GLY B 96 2.54 -5.34 -12.83
C GLY B 96 3.33 -4.23 -12.21
N LEU B 97 4.65 -4.27 -12.39
CA LEU B 97 5.56 -3.28 -11.81
C LEU B 97 5.65 -2.08 -12.75
N GLN B 98 5.16 -0.93 -12.29
CA GLN B 98 5.26 0.33 -12.99
C GLN B 98 5.98 1.32 -12.07
N ALA B 99 5.99 2.59 -12.47
CA ALA B 99 6.57 3.62 -11.61
C ALA B 99 5.85 4.94 -11.85
N ILE B 100 6.01 5.84 -10.89
CA ILE B 100 5.45 7.18 -10.94
C ILE B 100 6.54 8.16 -10.51
N LEU B 101 6.70 9.26 -11.24
CA LEU B 101 7.87 10.12 -11.10
C LEU B 101 7.46 11.58 -10.97
N ILE B 102 8.02 12.25 -9.98
CA ILE B 102 7.88 13.69 -9.81
C ILE B 102 9.12 14.36 -10.39
N SER B 103 8.91 15.35 -11.25
CA SER B 103 10.00 16.08 -11.90
C SER B 103 9.86 17.56 -11.61
N ALA B 104 10.95 18.17 -11.14
CA ALA B 104 10.99 19.61 -10.86
C ALA B 104 11.95 20.28 -11.83
N ASN B 105 11.51 21.39 -12.42
CA ASN B 105 12.25 22.04 -13.49
C ASN B 105 12.29 23.55 -13.26
N TYR B 106 13.34 24.18 -13.78
CA TYR B 106 13.50 25.63 -13.72
C TYR B 106 14.07 26.08 -15.06
N LYS B 107 13.35 27.00 -15.72
CA LYS B 107 13.73 27.47 -17.06
C LYS B 107 13.91 26.30 -18.01
N GLU B 108 12.97 25.36 -17.95
CA GLU B 108 12.91 24.18 -18.83
C GLU B 108 14.08 23.23 -18.62
N LYS B 109 14.72 23.26 -17.45
CA LYS B 109 15.81 22.36 -17.12
C LYS B 109 15.45 21.60 -15.85
N GLU B 110 15.50 20.28 -15.92
CA GLU B 110 15.15 19.45 -14.78
C GLU B 110 16.31 19.44 -13.78
N PHE B 111 16.01 19.73 -12.51
CA PHE B 111 17.05 19.73 -11.49
C PHE B 111 16.88 18.66 -10.42
N ILE B 112 15.75 17.94 -10.39
CA ILE B 112 15.59 16.80 -9.50
C ILE B 112 14.47 15.92 -10.03
N ARG B 113 14.57 14.62 -9.78
CA ARG B 113 13.49 13.68 -10.07
C ARG B 113 13.34 12.72 -8.90
N ILE B 114 12.09 12.49 -8.50
CA ILE B 114 11.75 11.57 -7.42
C ILE B 114 10.73 10.56 -7.96
N ALA B 115 11.07 9.28 -7.92
CA ALA B 115 10.22 8.23 -8.48
C ALA B 115 9.96 7.15 -7.44
N TYR B 116 8.79 6.52 -7.57
CA TYR B 116 8.40 5.39 -6.72
C TYR B 116 7.95 4.23 -7.60
N TYR B 117 8.47 3.05 -7.32
CA TYR B 117 7.92 1.83 -7.93
C TYR B 117 6.51 1.58 -7.40
N MET B 118 5.70 0.90 -8.21
CA MET B 118 4.38 0.49 -7.76
C MET B 118 3.96 -0.81 -8.42
N ASN B 119 3.26 -1.64 -7.66
CA ASN B 119 2.65 -2.86 -8.18
C ASN B 119 1.15 -2.63 -8.35
N SER B 120 0.62 -3.03 -9.51
CA SER B 120 -0.79 -2.94 -9.81
C SER B 120 -1.34 -4.35 -10.03
N PHE B 121 -2.48 -4.65 -9.41
CA PHE B 121 -2.96 -6.02 -9.37
C PHE B 121 -4.47 -6.04 -9.20
N TYR B 122 -5.09 -7.11 -9.68
CA TYR B 122 -6.52 -7.31 -9.48
C TYR B 122 -6.83 -7.53 -8.00
N LYS B 123 -7.90 -6.86 -7.54
CA LYS B 123 -8.34 -7.01 -6.16
C LYS B 123 -9.04 -8.35 -5.92
N ASP B 124 -9.71 -8.87 -6.94
CA ASP B 124 -10.42 -10.14 -6.84
C ASP B 124 -9.46 -11.28 -7.16
N MET B 125 -9.47 -12.33 -6.32
CA MET B 125 -8.47 -13.37 -6.43
C MET B 125 -8.65 -14.20 -7.69
N GLU B 126 -9.90 -14.41 -8.13
CA GLU B 126 -10.14 -15.21 -9.32
C GLU B 126 -9.60 -14.51 -10.56
N LEU B 127 -9.84 -13.20 -10.68
CA LEU B 127 -9.26 -12.45 -11.81
C LEU B 127 -7.76 -12.30 -11.68
N ARG B 128 -7.21 -12.34 -10.46
CA ARG B 128 -5.75 -12.38 -10.33
C ARG B 128 -5.20 -13.68 -10.91
N GLU B 129 -5.83 -14.81 -10.57
CA GLU B 129 -5.35 -16.09 -11.09
C GLU B 129 -5.62 -16.25 -12.58
N ASN B 130 -6.73 -15.69 -13.07
CA ASN B 130 -7.13 -15.80 -14.47
C ASN B 130 -7.55 -14.43 -14.96
N PRO B 131 -6.58 -13.57 -15.30
CA PRO B 131 -6.93 -12.23 -15.78
C PRO B 131 -7.69 -12.30 -17.09
N PRO B 132 -8.77 -11.53 -17.23
CA PRO B 132 -9.58 -11.60 -18.45
C PRO B 132 -8.85 -11.04 -19.65
N VAL B 133 -9.32 -11.42 -20.83
CA VAL B 133 -8.73 -10.92 -22.06
C VAL B 133 -9.02 -9.43 -22.22
N VAL B 134 -10.24 -9.01 -21.87
CA VAL B 134 -10.59 -7.61 -21.80
C VAL B 134 -10.38 -7.15 -20.35
N PRO B 135 -9.54 -6.16 -20.09
CA PRO B 135 -9.28 -5.76 -18.71
C PRO B 135 -10.48 -5.12 -18.06
N GLN B 136 -10.56 -5.28 -16.74
CA GLN B 136 -11.58 -4.63 -15.92
C GLN B 136 -10.84 -3.65 -15.02
N TYR B 137 -10.64 -2.44 -15.52
CA TYR B 137 -9.80 -1.46 -14.84
C TYR B 137 -10.38 -1.03 -13.50
N ASP B 138 -11.69 -1.15 -13.31
CA ASP B 138 -12.30 -0.76 -12.05
C ASP B 138 -11.94 -1.71 -10.91
N LYS B 139 -11.41 -2.89 -11.22
CA LYS B 139 -11.08 -3.89 -10.21
C LYS B 139 -9.58 -4.11 -10.06
N ILE B 140 -8.78 -3.16 -10.52
CA ILE B 140 -7.32 -3.22 -10.38
C ILE B 140 -6.91 -2.17 -9.36
N CYS B 141 -5.95 -2.53 -8.51
CA CYS B 141 -5.46 -1.64 -7.48
C CYS B 141 -3.95 -1.48 -7.61
N ARG B 142 -3.45 -0.30 -7.27
CA ARG B 142 -2.02 -0.03 -7.28
C ARG B 142 -1.51 0.13 -5.86
N HIS B 143 -0.28 -0.33 -5.63
CA HIS B 143 0.40 -0.18 -4.36
C HIS B 143 1.71 0.55 -4.63
N ILE B 144 1.79 1.80 -4.21
CA ILE B 144 2.97 2.62 -4.45
C ILE B 144 3.97 2.34 -3.34
N PHE B 145 5.20 2.02 -3.72
CA PHE B 145 6.23 1.56 -2.80
C PHE B 145 6.92 2.78 -2.18
N VAL B 146 6.32 3.28 -1.10
CA VAL B 146 6.59 4.62 -0.59
C VAL B 146 7.94 4.73 0.13
N GLU B 147 8.33 3.71 0.91
CA GLU B 147 9.57 3.86 1.68
C GLU B 147 10.83 3.67 0.81
N ASN B 148 10.72 3.61 -0.51
CA ASN B 148 11.88 3.45 -1.39
C ASN B 148 11.84 4.49 -2.52
N PRO B 149 11.99 5.77 -2.20
CA PRO B 149 12.03 6.78 -3.26
C PRO B 149 13.35 6.74 -4.02
N ARG B 150 13.25 6.86 -5.34
CA ARG B 150 14.41 6.86 -6.23
C ARG B 150 14.68 8.30 -6.68
N ILE B 151 15.73 8.91 -6.15
CA ILE B 151 16.01 10.33 -6.33
C ILE B 151 17.29 10.50 -7.16
N VAL B 152 17.25 11.45 -8.09
CA VAL B 152 18.43 11.90 -8.82
C VAL B 152 18.36 13.41 -8.94
N LYS B 153 19.45 14.09 -8.63
CA LYS B 153 19.54 15.54 -8.73
C LYS B 153 20.46 15.93 -9.86
N PHE B 154 20.19 17.09 -10.46
CA PHE B 154 20.96 17.57 -11.60
C PHE B 154 21.35 19.02 -11.36
N SER B 155 22.62 19.34 -11.61
CA SER B 155 23.09 20.71 -11.52
C SER B 155 22.62 21.48 -12.76
N ILE B 156 21.89 22.56 -12.55
CA ILE B 156 21.36 23.38 -13.63
C ILE B 156 21.74 24.83 -13.38
N GLY B 157 21.57 25.65 -14.41
CA GLY B 157 21.68 27.08 -14.23
C GLY B 157 20.41 27.67 -13.64
N TRP B 158 20.58 28.73 -12.87
CA TRP B 158 19.43 29.41 -12.28
C TRP B 158 19.35 30.85 -12.75
N ASP B 159 19.69 31.81 -11.89
CA ASP B 159 19.55 33.22 -12.23
C ASP B 159 20.87 33.96 -12.37
N SER B 160 21.91 33.56 -11.64
CA SER B 160 23.20 34.23 -11.72
C SER B 160 24.09 33.64 -12.80
S SCN C . -0.07 -20.26 13.26
C SCN C . -1.42 -20.53 12.09
N SCN C . -2.31 -20.68 11.32
S SCN D . -6.69 -4.49 -1.94
C SCN D . -6.40 -3.11 -0.83
N SCN D . -6.21 -2.21 -0.09
C1 EDO E . 8.82 -8.96 2.27
O1 EDO E . 9.75 -10.02 2.04
C2 EDO E . 9.12 -7.79 1.33
O2 EDO E . 8.79 -6.56 1.98
S SCN F . -18.88 -5.45 3.68
C SCN F . -19.76 -3.92 4.09
N SCN F . -20.35 -2.94 4.36
S SCN G . 11.09 11.44 -18.40
C SCN G . 12.09 12.01 -17.02
N SCN G . 12.74 12.38 -16.10
S SCN H . 10.13 -1.58 -0.73
C SCN H . 9.04 -0.50 0.19
N SCN H . 8.28 0.21 0.75
C1 EDO I . 10.22 -3.28 -5.42
O1 EDO I . 9.16 -4.19 -5.11
C2 EDO I . 10.48 -3.30 -6.92
O2 EDO I . 11.88 -3.08 -7.17
S SCN J . 11.61 12.21 -0.16
C SCN J . 12.73 13.62 -0.06
N SCN J . 13.47 14.54 0.01
#